data_1ME5
#
_entry.id   1ME5
#
_cell.length_a   100.119
_cell.length_b   58.652
_cell.length_c   88.914
_cell.angle_alpha   90.00
_cell.angle_beta   120.47
_cell.angle_gamma   90.00
#
_symmetry.space_group_name_H-M   'C 1 2 1'
#
loop_
_entity.id
_entity.type
_entity.pdbx_description
1 polymer 'ALKYLHYDROPEROXIDASE D'
2 water water
#
_entity_poly.entity_id   1
_entity_poly.type   'polypeptide(L)'
_entity_poly.pdbx_seq_one_letter_code
;MSIEKLKAALPEYAKDIKLNLSSITRSSVLDQEQLWGTLLASAAATRNPQVLADIGAEATDHLSAAARHAALGAAAIMGM
NNVFYRGRGFLEGRYDDLRPGLRMNIIANPGIPKANFELWSFAVSAINGCSQCLVAHEHTLRTVGVDREAIFEALKAAAI
VSGVAQALATIEALSPS
;
_entity_poly.pdbx_strand_id   A,B,C
#
# COMPACT_ATOMS: atom_id res chain seq x y z
N ILE A 3 -2.85 -14.15 19.17
CA ILE A 3 -3.87 -13.29 19.79
C ILE A 3 -3.37 -12.55 21.04
N GLU A 4 -3.53 -13.16 22.20
CA GLU A 4 -3.09 -12.61 23.47
C GLU A 4 -1.65 -12.09 23.40
N LYS A 5 -0.77 -12.92 22.85
CA LYS A 5 0.63 -12.58 22.71
C LYS A 5 0.84 -11.39 21.78
N LEU A 6 -0.08 -11.24 20.83
CA LEU A 6 -0.01 -10.16 19.86
C LEU A 6 -0.62 -8.88 20.44
N LYS A 7 -1.66 -9.05 21.25
CA LYS A 7 -2.34 -7.94 21.89
C LYS A 7 -1.45 -7.22 22.91
N ALA A 8 -0.54 -7.96 23.53
CA ALA A 8 0.36 -7.41 24.53
C ALA A 8 1.61 -6.79 23.91
N ALA A 9 1.85 -7.12 22.64
CA ALA A 9 3.01 -6.60 21.91
C ALA A 9 2.72 -5.19 21.40
N LEU A 10 1.43 -4.88 21.30
CA LEU A 10 0.94 -3.59 20.85
C LEU A 10 1.11 -2.51 21.93
N PRO A 11 1.37 -1.26 21.52
CA PRO A 11 1.57 -0.14 22.45
C PRO A 11 0.28 0.29 23.14
N GLU A 12 0.39 1.31 23.97
CA GLU A 12 -0.76 1.83 24.71
C GLU A 12 -1.66 2.69 23.84
N TYR A 13 -1.05 3.60 23.09
CA TYR A 13 -1.81 4.47 22.22
C TYR A 13 -2.63 3.66 21.22
N ALA A 14 -2.13 2.49 20.82
CA ALA A 14 -2.85 1.65 19.87
C ALA A 14 -3.98 0.94 20.60
N LYS A 15 -4.37 1.55 21.72
CA LYS A 15 -5.43 1.07 22.59
C LYS A 15 -6.70 0.67 21.86
N ASP A 16 -7.11 1.44 20.85
CA ASP A 16 -8.33 1.11 20.13
C ASP A 16 -8.19 -0.17 19.33
N ILE A 17 -7.03 -0.38 18.70
CA ILE A 17 -6.83 -1.60 17.90
C ILE A 17 -6.94 -2.83 18.79
N LYS A 18 -6.32 -2.74 19.96
CA LYS A 18 -6.35 -3.81 20.93
C LYS A 18 -7.78 -4.29 21.11
N LEU A 19 -8.64 -3.40 21.57
CA LEU A 19 -10.04 -3.78 21.80
C LEU A 19 -10.65 -4.35 20.53
N ASN A 20 -10.16 -3.88 19.39
CA ASN A 20 -10.66 -4.32 18.10
C ASN A 20 -10.27 -5.75 17.74
N LEU A 21 -8.98 -6.07 17.85
CA LEU A 21 -8.54 -7.42 17.50
C LEU A 21 -9.15 -8.38 18.50
N SER A 22 -9.23 -7.92 19.75
CA SER A 22 -9.79 -8.68 20.86
C SER A 22 -11.26 -8.91 20.60
N SER A 23 -11.93 -7.87 20.09
CA SER A 23 -13.34 -7.94 19.79
C SER A 23 -13.59 -8.81 18.56
N ILE A 24 -12.84 -8.57 17.50
CA ILE A 24 -12.99 -9.32 16.27
C ILE A 24 -12.69 -10.79 16.52
N THR A 25 -11.74 -11.05 17.41
CA THR A 25 -11.39 -12.42 17.70
C THR A 25 -12.59 -13.21 18.17
N ARG A 26 -13.15 -12.85 19.33
CA ARG A 26 -14.31 -13.58 19.84
C ARG A 26 -15.62 -13.29 19.10
N SER A 27 -15.60 -13.54 17.79
CA SER A 27 -16.74 -13.33 16.91
C SER A 27 -17.67 -14.53 16.82
N SER A 28 -18.95 -14.23 16.57
CA SER A 28 -19.97 -15.26 16.42
C SER A 28 -20.48 -15.14 14.99
N VAL A 29 -20.52 -13.91 14.50
CA VAL A 29 -21.00 -13.62 13.16
C VAL A 29 -20.38 -14.56 12.13
N LEU A 30 -19.06 -14.64 12.09
CA LEU A 30 -18.41 -15.54 11.15
C LEU A 30 -18.07 -16.88 11.80
N ASP A 31 -17.76 -17.86 10.96
CA ASP A 31 -17.40 -19.21 11.39
C ASP A 31 -16.13 -19.31 12.20
N GLN A 32 -15.49 -20.46 12.06
CA GLN A 32 -14.23 -20.73 12.73
C GLN A 32 -13.29 -20.70 11.52
N GLU A 33 -13.78 -21.29 10.44
CA GLU A 33 -13.01 -21.34 9.21
C GLU A 33 -13.07 -19.94 8.57
N GLN A 34 -14.26 -19.38 8.50
CA GLN A 34 -14.46 -18.05 7.93
C GLN A 34 -13.59 -17.00 8.62
N LEU A 35 -13.92 -16.66 9.85
CA LEU A 35 -13.20 -15.65 10.61
C LEU A 35 -11.71 -15.85 10.56
N TRP A 36 -11.29 -17.11 10.49
CA TRP A 36 -9.86 -17.42 10.48
C TRP A 36 -9.11 -17.40 9.16
N GLY A 37 -9.81 -17.66 8.05
CA GLY A 37 -9.14 -17.59 6.76
C GLY A 37 -9.01 -16.10 6.49
N THR A 38 -10.06 -15.36 6.84
CA THR A 38 -10.10 -13.89 6.68
C THR A 38 -8.94 -13.31 7.47
N LEU A 39 -8.91 -13.64 8.76
CA LEU A 39 -7.87 -13.20 9.66
C LEU A 39 -6.49 -13.55 9.07
N LEU A 40 -6.35 -14.80 8.62
CA LEU A 40 -5.12 -15.30 8.03
C LEU A 40 -4.74 -14.62 6.72
N ALA A 41 -5.69 -14.54 5.80
CA ALA A 41 -5.47 -13.89 4.50
C ALA A 41 -5.18 -12.39 4.72
N SER A 42 -5.93 -11.74 5.63
CA SER A 42 -5.70 -10.32 5.95
C SER A 42 -4.29 -10.09 6.52
N ALA A 43 -3.86 -10.94 7.43
CA ALA A 43 -2.53 -10.81 8.02
C ALA A 43 -1.47 -10.87 6.91
N ALA A 44 -1.63 -11.85 6.01
CA ALA A 44 -0.72 -12.01 4.89
C ALA A 44 -0.73 -10.72 4.08
N ALA A 45 -1.93 -10.17 3.88
CA ALA A 45 -2.10 -8.94 3.12
C ALA A 45 -1.47 -7.67 3.77
N THR A 46 -1.38 -7.62 5.10
CA THR A 46 -0.79 -6.46 5.76
C THR A 46 0.71 -6.51 5.57
N ARG A 47 1.18 -7.66 5.07
CA ARG A 47 2.59 -7.91 4.79
C ARG A 47 3.51 -7.93 6.00
N ASN A 48 2.95 -7.73 7.18
CA ASN A 48 3.75 -7.74 8.41
C ASN A 48 4.08 -9.18 8.83
N PRO A 49 5.37 -9.55 8.84
CA PRO A 49 5.84 -10.88 9.22
C PRO A 49 5.28 -11.38 10.54
N GLN A 50 5.54 -10.63 11.59
CA GLN A 50 5.08 -10.97 12.93
C GLN A 50 3.59 -11.27 12.99
N VAL A 51 2.77 -10.44 12.35
CA VAL A 51 1.31 -10.65 12.39
C VAL A 51 0.89 -11.90 11.63
N LEU A 52 1.55 -12.17 10.50
CA LEU A 52 1.22 -13.36 9.74
C LEU A 52 1.48 -14.52 10.70
N ALA A 53 2.64 -14.47 11.36
CA ALA A 53 3.06 -15.50 12.30
C ALA A 53 2.13 -15.75 13.49
N ASP A 54 1.76 -14.71 14.22
CA ASP A 54 0.88 -14.90 15.37
C ASP A 54 -0.47 -15.45 14.92
N ILE A 55 -1.03 -14.85 13.86
CA ILE A 55 -2.31 -15.29 13.34
C ILE A 55 -2.21 -16.68 12.71
N GLY A 56 -1.10 -16.95 12.02
CA GLY A 56 -0.93 -18.25 11.42
C GLY A 56 -0.85 -19.31 12.51
N ALA A 57 -0.01 -19.04 13.50
CA ALA A 57 0.16 -19.97 14.62
C ALA A 57 -1.18 -20.35 15.22
N GLU A 58 -2.02 -19.36 15.44
CA GLU A 58 -3.33 -19.61 16.00
C GLU A 58 -4.20 -20.20 14.88
N ALA A 59 -3.97 -19.73 13.66
CA ALA A 59 -4.74 -20.18 12.50
C ALA A 59 -4.78 -21.69 12.37
N THR A 60 -3.62 -22.28 12.10
CA THR A 60 -3.50 -23.74 11.97
C THR A 60 -3.91 -24.34 13.31
N ASP A 61 -5.21 -24.32 13.56
CA ASP A 61 -5.77 -24.81 14.80
C ASP A 61 -7.30 -24.77 14.63
N HIS A 62 -7.77 -23.81 13.84
CA HIS A 62 -9.20 -23.65 13.56
C HIS A 62 -9.40 -23.87 12.06
N LEU A 63 -8.28 -23.97 11.35
CA LEU A 63 -8.28 -24.13 9.90
C LEU A 63 -7.58 -25.39 9.43
N SER A 64 -8.14 -26.03 8.41
CA SER A 64 -7.56 -27.24 7.84
C SER A 64 -6.44 -26.81 6.88
N ALA A 65 -5.46 -27.69 6.68
CA ALA A 65 -4.32 -27.40 5.80
C ALA A 65 -4.78 -26.93 4.43
N ALA A 66 -5.81 -27.57 3.91
CA ALA A 66 -6.35 -27.18 2.61
C ALA A 66 -6.87 -25.74 2.72
N ALA A 67 -7.44 -25.40 3.88
CA ALA A 67 -7.98 -24.07 4.13
C ALA A 67 -6.90 -23.00 4.30
N ARG A 68 -5.97 -23.23 5.22
CA ARG A 68 -4.89 -22.27 5.45
C ARG A 68 -4.22 -21.93 4.13
N HIS A 69 -4.05 -22.96 3.30
CA HIS A 69 -3.42 -22.81 1.98
C HIS A 69 -4.28 -21.94 1.08
N ALA A 70 -5.60 -22.11 1.19
CA ALA A 70 -6.55 -21.34 0.39
C ALA A 70 -6.54 -19.86 0.74
N ALA A 71 -6.55 -19.52 2.03
CA ALA A 71 -6.52 -18.11 2.44
C ALA A 71 -5.24 -17.44 1.95
N LEU A 72 -4.14 -18.18 2.00
CA LEU A 72 -2.83 -17.66 1.57
C LEU A 72 -2.77 -17.54 0.07
N GLY A 73 -3.48 -18.42 -0.62
CA GLY A 73 -3.52 -18.37 -2.07
C GLY A 73 -4.35 -17.18 -2.53
N ALA A 74 -5.39 -16.88 -1.76
CA ALA A 74 -6.31 -15.76 -2.04
C ALA A 74 -5.57 -14.43 -1.96
N ALA A 75 -4.77 -14.29 -0.91
CA ALA A 75 -3.99 -13.06 -0.70
C ALA A 75 -3.01 -12.93 -1.84
N ALA A 76 -2.40 -14.05 -2.21
CA ALA A 76 -1.41 -14.08 -3.27
C ALA A 76 -2.03 -13.71 -4.61
N ILE A 77 -3.16 -14.33 -4.94
CA ILE A 77 -3.80 -14.05 -6.20
C ILE A 77 -4.46 -12.66 -6.21
N MET A 78 -5.09 -12.26 -5.11
CA MET A 78 -5.66 -10.89 -5.09
C MET A 78 -4.50 -9.87 -5.24
N GLY A 79 -3.33 -10.20 -4.72
CA GLY A 79 -2.20 -9.30 -4.85
C GLY A 79 -1.90 -8.98 -6.30
N MET A 80 -2.13 -9.94 -7.20
CA MET A 80 -1.90 -9.70 -8.63
C MET A 80 -3.13 -8.98 -9.21
N ASN A 81 -4.29 -9.58 -8.99
CA ASN A 81 -5.53 -9.03 -9.49
C ASN A 81 -5.94 -7.64 -8.99
N ASN A 82 -5.74 -7.35 -7.71
CA ASN A 82 -6.12 -6.02 -7.20
C ASN A 82 -5.38 -4.92 -7.97
N VAL A 83 -4.16 -5.20 -8.41
CA VAL A 83 -3.42 -4.20 -9.14
C VAL A 83 -3.85 -4.10 -10.58
N PHE A 84 -3.92 -5.23 -11.27
CA PHE A 84 -4.32 -5.23 -12.67
C PHE A 84 -5.66 -4.57 -12.88
N TYR A 85 -6.70 -5.14 -12.27
CA TYR A 85 -8.04 -4.60 -12.41
C TYR A 85 -8.18 -3.14 -12.03
N ARG A 86 -7.49 -2.71 -10.97
CA ARG A 86 -7.55 -1.31 -10.54
C ARG A 86 -6.96 -0.42 -11.63
N GLY A 87 -5.77 -0.79 -12.13
CA GLY A 87 -5.12 -0.03 -13.17
C GLY A 87 -5.97 0.10 -14.42
N ARG A 88 -6.57 -1.00 -14.84
CA ARG A 88 -7.42 -1.04 -16.03
C ARG A 88 -8.64 -0.15 -15.85
N GLY A 89 -9.13 -0.04 -14.61
CA GLY A 89 -10.28 0.81 -14.35
C GLY A 89 -9.89 2.27 -14.41
N PHE A 90 -8.64 2.54 -14.08
CA PHE A 90 -8.07 3.90 -14.08
C PHE A 90 -7.96 4.38 -15.52
N LEU A 91 -7.76 3.44 -16.44
CA LEU A 91 -7.62 3.70 -17.86
C LEU A 91 -8.97 3.90 -18.54
N GLU A 92 -10.03 3.81 -17.74
CA GLU A 92 -11.42 3.98 -18.18
C GLU A 92 -11.86 2.99 -19.26
N GLY A 93 -11.78 1.71 -18.95
CA GLY A 93 -12.18 0.69 -19.89
C GLY A 93 -11.54 0.73 -21.27
N ARG A 94 -10.71 1.75 -21.53
CA ARG A 94 -10.03 1.87 -22.82
C ARG A 94 -9.22 0.63 -23.16
N TYR A 95 -9.12 -0.28 -22.21
CA TYR A 95 -8.38 -1.52 -22.38
C TYR A 95 -9.23 -2.68 -21.90
N ASP A 96 -10.43 -2.38 -21.41
CA ASP A 96 -11.33 -3.39 -20.85
C ASP A 96 -11.46 -4.69 -21.63
N ASP A 97 -10.95 -4.72 -22.86
CA ASP A 97 -10.97 -5.97 -23.60
C ASP A 97 -9.79 -6.08 -24.55
N LEU A 98 -8.62 -6.16 -23.94
CA LEU A 98 -7.36 -6.30 -24.64
C LEU A 98 -6.84 -7.70 -24.29
N ARG A 99 -7.53 -8.34 -23.35
CA ARG A 99 -7.20 -9.69 -22.89
C ARG A 99 -6.06 -9.75 -21.87
N PRO A 100 -6.41 -9.92 -20.57
CA PRO A 100 -5.42 -10.00 -19.50
C PRO A 100 -4.41 -11.13 -19.64
N GLY A 101 -4.89 -12.32 -19.99
CA GLY A 101 -4.01 -13.46 -20.14
C GLY A 101 -3.23 -13.75 -18.88
N LEU A 102 -3.92 -13.64 -17.74
CA LEU A 102 -3.33 -13.87 -16.43
C LEU A 102 -4.05 -15.05 -15.80
N ARG A 103 -3.31 -16.11 -15.50
CA ARG A 103 -3.91 -17.29 -14.92
C ARG A 103 -4.38 -17.10 -13.49
N MET A 104 -5.46 -17.79 -13.17
CA MET A 104 -6.10 -17.79 -11.87
C MET A 104 -6.55 -19.23 -11.64
N ASN A 105 -7.86 -19.44 -11.57
CA ASN A 105 -8.40 -20.77 -11.36
C ASN A 105 -8.36 -21.16 -9.92
N ILE A 106 -7.41 -20.60 -9.18
CA ILE A 106 -7.35 -20.91 -7.77
C ILE A 106 -8.73 -20.42 -7.34
N ILE A 107 -9.19 -19.38 -8.03
CA ILE A 107 -10.51 -18.77 -7.82
C ILE A 107 -11.64 -19.71 -8.31
N ALA A 108 -11.47 -20.29 -9.49
CA ALA A 108 -12.45 -21.24 -10.03
C ALA A 108 -12.69 -22.36 -9.02
N ASN A 109 -11.59 -22.97 -8.57
CA ASN A 109 -11.65 -24.02 -7.58
C ASN A 109 -10.45 -23.81 -6.68
N PRO A 110 -10.71 -23.33 -5.45
CA PRO A 110 -9.69 -23.06 -4.44
C PRO A 110 -9.31 -24.25 -3.55
N GLY A 111 -10.10 -25.32 -3.63
CA GLY A 111 -9.86 -26.49 -2.80
C GLY A 111 -11.00 -26.63 -1.80
N ILE A 112 -11.31 -25.54 -1.12
CA ILE A 112 -12.40 -25.51 -0.14
C ILE A 112 -13.60 -24.79 -0.74
N PRO A 113 -14.73 -24.72 -0.02
CA PRO A 113 -15.91 -24.04 -0.57
C PRO A 113 -15.69 -22.58 -0.96
N LYS A 114 -16.16 -22.24 -2.14
CA LYS A 114 -16.02 -20.90 -2.69
C LYS A 114 -16.49 -19.82 -1.73
N ALA A 115 -17.66 -20.03 -1.13
CA ALA A 115 -18.24 -19.06 -0.21
C ALA A 115 -17.34 -18.71 0.96
N ASN A 116 -16.11 -19.21 0.93
CA ASN A 116 -15.16 -18.91 1.98
C ASN A 116 -13.94 -18.30 1.34
N PHE A 117 -13.63 -18.78 0.14
CA PHE A 117 -12.49 -18.29 -0.59
C PHE A 117 -12.79 -16.87 -1.05
N GLU A 118 -14.08 -16.63 -1.29
CA GLU A 118 -14.56 -15.34 -1.74
C GLU A 118 -14.57 -14.35 -0.59
N LEU A 119 -14.90 -14.84 0.60
CA LEU A 119 -14.92 -14.02 1.78
C LEU A 119 -13.49 -13.56 1.97
N TRP A 120 -12.55 -14.47 1.73
CA TRP A 120 -11.14 -14.17 1.90
C TRP A 120 -10.58 -13.19 0.84
N SER A 121 -10.98 -13.38 -0.42
CA SER A 121 -10.53 -12.50 -1.49
C SER A 121 -11.10 -11.10 -1.29
N PHE A 122 -12.31 -11.05 -0.76
CA PHE A 122 -12.99 -9.80 -0.47
C PHE A 122 -12.15 -9.00 0.54
N ALA A 123 -11.91 -9.60 1.70
CA ALA A 123 -11.15 -8.99 2.76
C ALA A 123 -9.79 -8.47 2.30
N VAL A 124 -9.15 -9.20 1.40
CA VAL A 124 -7.84 -8.79 0.86
C VAL A 124 -7.96 -7.66 -0.16
N SER A 125 -9.07 -7.65 -0.88
CA SER A 125 -9.26 -6.59 -1.86
C SER A 125 -9.51 -5.26 -1.13
N ALA A 126 -10.10 -5.37 0.07
CA ALA A 126 -10.38 -4.21 0.91
C ALA A 126 -9.05 -3.67 1.43
N ILE A 127 -8.12 -4.56 1.76
CA ILE A 127 -6.81 -4.13 2.24
C ILE A 127 -5.96 -3.53 1.13
N ASN A 128 -6.01 -4.11 -0.06
CA ASN A 128 -5.23 -3.55 -1.14
C ASN A 128 -5.94 -2.32 -1.72
N GLY A 129 -7.27 -2.30 -1.64
CA GLY A 129 -8.02 -1.15 -2.10
C GLY A 129 -8.47 -1.16 -3.55
N CYS A 130 -8.92 -2.31 -4.03
CA CYS A 130 -9.40 -2.41 -5.40
C CYS A 130 -10.91 -2.50 -5.37
N SER A 131 -11.55 -1.43 -5.82
CA SER A 131 -12.99 -1.32 -5.85
C SER A 131 -13.57 -2.32 -6.85
N GLN A 132 -12.94 -2.45 -8.02
CA GLN A 132 -13.40 -3.39 -9.04
C GLN A 132 -13.51 -4.79 -8.43
N CYS A 133 -12.47 -5.21 -7.72
CA CYS A 133 -12.44 -6.52 -7.09
C CYS A 133 -13.39 -6.65 -5.90
N LEU A 134 -13.33 -5.71 -4.96
CA LEU A 134 -14.20 -5.76 -3.79
C LEU A 134 -15.67 -5.91 -4.24
N VAL A 135 -16.10 -5.04 -5.15
CA VAL A 135 -17.47 -5.08 -5.67
C VAL A 135 -17.81 -6.43 -6.32
N ALA A 136 -16.88 -7.01 -7.09
CA ALA A 136 -17.14 -8.29 -7.75
C ALA A 136 -17.31 -9.39 -6.73
N HIS A 137 -16.34 -9.47 -5.82
CA HIS A 137 -16.36 -10.48 -4.78
C HIS A 137 -17.51 -10.33 -3.79
N GLU A 138 -17.96 -9.09 -3.62
CA GLU A 138 -19.08 -8.80 -2.71
C GLU A 138 -20.37 -9.26 -3.39
N HIS A 139 -20.45 -9.03 -4.70
CA HIS A 139 -21.61 -9.44 -5.49
C HIS A 139 -21.70 -10.96 -5.42
N THR A 140 -20.60 -11.60 -5.76
CA THR A 140 -20.49 -13.06 -5.76
C THR A 140 -20.92 -13.63 -4.42
N LEU A 141 -20.40 -13.06 -3.34
CA LEU A 141 -20.72 -13.52 -2.01
C LEU A 141 -22.21 -13.59 -1.75
N ARG A 142 -22.92 -12.48 -2.00
CA ARG A 142 -24.36 -12.45 -1.77
C ARG A 142 -25.05 -13.52 -2.62
N THR A 143 -24.62 -13.64 -3.86
CA THR A 143 -25.16 -14.63 -4.78
C THR A 143 -25.18 -16.03 -4.18
N VAL A 144 -24.09 -16.41 -3.51
CA VAL A 144 -23.96 -17.72 -2.90
C VAL A 144 -24.47 -17.84 -1.46
N GLY A 145 -25.32 -16.92 -1.04
CA GLY A 145 -25.89 -17.01 0.30
C GLY A 145 -25.30 -16.33 1.52
N VAL A 146 -24.05 -15.87 1.47
CA VAL A 146 -23.48 -15.21 2.63
C VAL A 146 -24.26 -13.95 3.00
N ASP A 147 -24.28 -13.62 4.28
CA ASP A 147 -25.00 -12.44 4.73
C ASP A 147 -24.12 -11.19 4.78
N ARG A 148 -24.71 -10.05 4.41
CA ARG A 148 -23.95 -8.81 4.40
C ARG A 148 -23.38 -8.56 5.79
N GLU A 149 -24.01 -9.12 6.83
CA GLU A 149 -23.48 -8.95 8.18
C GLU A 149 -22.12 -9.61 8.18
N ALA A 150 -22.10 -10.83 7.67
CA ALA A 150 -20.88 -11.61 7.57
C ALA A 150 -19.85 -10.90 6.70
N ILE A 151 -20.27 -10.40 5.55
CA ILE A 151 -19.34 -9.71 4.67
C ILE A 151 -18.86 -8.46 5.36
N PHE A 152 -19.77 -7.80 6.04
CA PHE A 152 -19.43 -6.60 6.78
C PHE A 152 -18.42 -7.00 7.84
N GLU A 153 -18.60 -8.17 8.44
CA GLU A 153 -17.69 -8.67 9.48
C GLU A 153 -16.28 -8.93 8.89
N ALA A 154 -16.24 -9.37 7.64
CA ALA A 154 -14.95 -9.64 6.99
C ALA A 154 -14.19 -8.33 6.75
N LEU A 155 -14.92 -7.30 6.31
CA LEU A 155 -14.34 -5.99 6.03
C LEU A 155 -13.70 -5.47 7.30
N LYS A 156 -14.45 -5.51 8.40
CA LYS A 156 -13.95 -5.07 9.70
C LYS A 156 -12.66 -5.84 10.03
N ALA A 157 -12.74 -7.16 9.95
CA ALA A 157 -11.58 -7.98 10.23
C ALA A 157 -10.36 -7.40 9.52
N ALA A 158 -10.46 -7.30 8.20
CA ALA A 158 -9.40 -6.77 7.34
C ALA A 158 -8.82 -5.44 7.81
N ALA A 159 -9.71 -4.52 8.19
CA ALA A 159 -9.28 -3.21 8.65
C ALA A 159 -8.61 -3.32 10.00
N ILE A 160 -9.21 -4.09 10.90
CA ILE A 160 -8.63 -4.27 12.22
C ILE A 160 -7.26 -4.94 12.05
N VAL A 161 -7.21 -6.01 11.26
CA VAL A 161 -5.92 -6.68 11.07
C VAL A 161 -4.92 -5.69 10.54
N SER A 162 -5.34 -4.84 9.61
CA SER A 162 -4.47 -3.82 9.04
C SER A 162 -3.92 -2.89 10.13
N GLY A 163 -4.83 -2.43 11.00
CA GLY A 163 -4.44 -1.56 12.11
C GLY A 163 -3.40 -2.23 12.97
N VAL A 164 -3.56 -3.54 13.16
CA VAL A 164 -2.61 -4.32 13.94
C VAL A 164 -1.23 -4.23 13.30
N ALA A 165 -1.16 -4.59 12.01
CA ALA A 165 0.10 -4.59 11.28
C ALA A 165 0.83 -3.28 11.41
N GLN A 166 0.09 -2.20 11.18
CA GLN A 166 0.61 -0.84 11.25
C GLN A 166 1.13 -0.55 12.65
N ALA A 167 0.31 -0.85 13.66
CA ALA A 167 0.66 -0.61 15.04
C ALA A 167 1.89 -1.40 15.46
N LEU A 168 1.88 -2.71 15.22
CA LEU A 168 3.00 -3.55 15.60
C LEU A 168 4.27 -3.17 14.83
N ALA A 169 4.07 -2.73 13.60
CA ALA A 169 5.19 -2.35 12.75
C ALA A 169 6.04 -1.23 13.34
N THR A 170 5.39 -0.18 13.85
CA THR A 170 6.12 0.96 14.41
C THR A 170 6.96 0.60 15.64
N ILE A 171 6.41 -0.21 16.54
CA ILE A 171 7.18 -0.58 17.73
C ILE A 171 8.39 -1.35 17.21
N GLU A 172 8.12 -2.42 16.47
CA GLU A 172 9.17 -3.27 15.90
C GLU A 172 10.30 -2.44 15.31
N ALA A 173 9.95 -1.29 14.76
CA ALA A 173 10.92 -0.39 14.16
C ALA A 173 11.62 0.42 15.25
N LEU A 174 10.96 1.48 15.73
CA LEU A 174 11.53 2.32 16.78
C LEU A 174 11.60 1.48 18.05
N SER A 175 12.75 1.51 18.71
CA SER A 175 12.96 0.73 19.92
C SER A 175 12.67 -0.74 19.62
N ILE B 3 17.61 13.07 10.60
CA ILE B 3 17.13 13.73 9.34
C ILE B 3 18.29 14.01 8.39
N GLU B 4 19.29 14.71 8.91
CA GLU B 4 20.46 15.04 8.10
C GLU B 4 21.25 13.78 7.78
N LYS B 5 21.19 12.79 8.67
CA LYS B 5 21.89 11.54 8.47
C LYS B 5 21.26 10.79 7.31
N LEU B 6 19.96 10.56 7.41
CA LEU B 6 19.18 9.84 6.40
C LEU B 6 19.39 10.33 4.96
N LYS B 7 19.80 11.59 4.80
CA LYS B 7 19.98 12.16 3.47
C LYS B 7 21.18 11.62 2.67
N ALA B 8 22.28 11.32 3.36
CA ALA B 8 23.45 10.79 2.68
C ALA B 8 23.16 9.37 2.22
N ALA B 9 22.04 8.84 2.69
CA ALA B 9 21.60 7.48 2.37
C ALA B 9 21.14 7.31 0.91
N LEU B 10 20.16 8.11 0.52
CA LEU B 10 19.62 8.08 -0.83
C LEU B 10 20.74 8.04 -1.88
N PRO B 11 20.47 7.41 -3.04
CA PRO B 11 21.45 7.29 -4.14
C PRO B 11 21.56 8.55 -4.98
N GLU B 12 22.32 8.44 -6.06
CA GLU B 12 22.53 9.53 -6.98
C GLU B 12 21.29 9.65 -7.89
N TYR B 13 20.55 8.55 -8.01
CA TYR B 13 19.36 8.51 -8.84
C TYR B 13 18.13 9.08 -8.16
N ALA B 14 18.26 9.43 -6.88
CA ALA B 14 17.13 9.97 -6.15
C ALA B 14 17.43 11.33 -5.52
N LYS B 15 18.28 12.10 -6.17
CA LYS B 15 18.66 13.42 -5.67
C LYS B 15 17.42 14.24 -5.35
N ASP B 16 16.46 14.24 -6.26
CA ASP B 16 15.22 15.00 -6.07
C ASP B 16 14.64 14.74 -4.70
N ILE B 17 14.56 13.47 -4.33
CA ILE B 17 14.02 13.08 -3.05
C ILE B 17 14.79 13.78 -1.93
N LYS B 18 16.12 13.76 -2.05
CA LYS B 18 17.03 14.36 -1.07
C LYS B 18 16.72 15.85 -0.93
N LEU B 19 16.87 16.57 -2.03
CA LEU B 19 16.59 17.99 -2.05
C LEU B 19 15.20 18.20 -1.49
N ASN B 20 14.29 17.29 -1.87
CA ASN B 20 12.92 17.34 -1.41
C ASN B 20 12.82 17.18 0.10
N LEU B 21 13.61 16.29 0.65
CA LEU B 21 13.58 16.05 2.08
C LEU B 21 14.15 17.24 2.89
N SER B 22 15.29 17.78 2.49
CA SER B 22 15.84 18.91 3.23
C SER B 22 14.98 20.15 3.11
N SER B 23 14.17 20.23 2.05
CA SER B 23 13.32 21.40 1.87
C SER B 23 12.06 21.40 2.74
N ILE B 24 11.40 20.25 2.82
CA ILE B 24 10.18 20.13 3.60
C ILE B 24 10.39 20.43 5.08
N THR B 25 11.54 20.02 5.62
CA THR B 25 11.85 20.27 7.01
C THR B 25 12.50 21.63 7.18
N ARG B 26 13.40 21.99 6.27
CA ARG B 26 14.04 23.29 6.34
C ARG B 26 12.93 24.32 6.30
N SER B 27 11.82 23.93 5.66
CA SER B 27 10.64 24.78 5.52
C SER B 27 10.24 25.29 6.90
N SER B 28 9.25 26.19 6.95
CA SER B 28 8.77 26.74 8.21
C SER B 28 7.32 27.17 8.09
N VAL B 29 6.57 26.50 7.21
CA VAL B 29 5.17 26.84 6.99
C VAL B 29 4.21 26.43 8.13
N LEU B 30 4.67 25.63 9.08
CA LEU B 30 3.82 25.21 10.20
C LEU B 30 4.51 24.94 11.53
N ASP B 31 3.71 24.93 12.60
CA ASP B 31 4.20 24.70 13.96
C ASP B 31 5.21 23.57 14.04
N GLN B 32 6.47 23.90 14.30
CA GLN B 32 7.54 22.90 14.38
C GLN B 32 7.02 21.55 14.84
N GLU B 33 6.07 21.54 15.77
CA GLU B 33 5.48 20.29 16.23
C GLU B 33 4.82 19.67 15.01
N GLN B 34 3.82 20.37 14.48
CA GLN B 34 3.09 19.93 13.32
C GLN B 34 4.07 19.41 12.25
N LEU B 35 5.32 19.88 12.35
CA LEU B 35 6.38 19.52 11.39
C LEU B 35 7.12 18.22 11.71
N TRP B 36 6.73 17.53 12.78
CA TRP B 36 7.41 16.30 13.11
C TRP B 36 6.50 15.13 13.42
N GLY B 37 5.37 15.39 14.08
CA GLY B 37 4.47 14.29 14.35
C GLY B 37 3.80 13.93 13.04
N THR B 38 4.03 14.76 12.02
CA THR B 38 3.47 14.57 10.69
C THR B 38 4.50 13.87 9.86
N LEU B 39 5.76 14.19 10.13
CA LEU B 39 6.87 13.57 9.42
C LEU B 39 7.02 12.17 10.03
N LEU B 40 6.55 12.06 11.27
CA LEU B 40 6.58 10.85 12.08
C LEU B 40 5.45 9.90 11.76
N ALA B 41 4.23 10.37 12.01
CA ALA B 41 3.05 9.58 11.75
C ALA B 41 3.11 9.12 10.31
N SER B 42 3.67 9.97 9.47
CA SER B 42 3.81 9.68 8.06
C SER B 42 4.88 8.62 7.81
N ALA B 43 6.03 8.74 8.47
CA ALA B 43 7.09 7.76 8.28
C ALA B 43 6.58 6.42 8.82
N ALA B 44 5.79 6.47 9.88
CA ALA B 44 5.24 5.25 10.43
C ALA B 44 4.26 4.63 9.41
N ALA B 45 3.63 5.50 8.63
CA ALA B 45 2.64 5.06 7.65
C ALA B 45 3.31 4.36 6.48
N THR B 46 4.53 4.78 6.20
CA THR B 46 5.32 4.23 5.11
C THR B 46 5.68 2.77 5.41
N ARG B 47 5.88 2.48 6.70
CA ARG B 47 6.22 1.15 7.16
C ARG B 47 7.67 0.78 6.94
N ASN B 48 8.53 1.76 6.71
CA ASN B 48 9.93 1.45 6.54
C ASN B 48 10.53 1.61 7.94
N PRO B 49 11.16 0.54 8.47
CA PRO B 49 11.75 0.63 9.80
C PRO B 49 12.89 1.65 9.90
N GLN B 50 13.79 1.66 8.92
CA GLN B 50 14.89 2.61 8.95
C GLN B 50 14.38 4.05 9.10
N VAL B 51 13.50 4.44 8.19
CA VAL B 51 12.93 5.79 8.19
C VAL B 51 12.20 6.14 9.49
N LEU B 52 11.43 5.21 10.02
CA LEU B 52 10.72 5.55 11.24
C LEU B 52 11.66 5.84 12.40
N ALA B 53 12.85 5.23 12.35
CA ALA B 53 13.85 5.39 13.41
C ALA B 53 14.45 6.79 13.44
N ASP B 54 14.77 7.33 12.29
CA ASP B 54 15.34 8.68 12.22
C ASP B 54 14.30 9.73 12.60
N ILE B 55 13.17 9.76 11.91
CA ILE B 55 12.13 10.72 12.27
C ILE B 55 11.66 10.33 13.67
N GLY B 56 12.38 9.37 14.25
CA GLY B 56 12.08 8.92 15.61
C GLY B 56 13.08 9.63 16.51
N ALA B 57 14.30 9.78 16.01
CA ALA B 57 15.35 10.45 16.76
C ALA B 57 14.94 11.92 16.85
N GLU B 58 15.16 12.66 15.76
CA GLU B 58 14.77 14.07 15.75
C GLU B 58 13.25 14.05 15.83
N ALA B 59 12.75 14.03 17.06
CA ALA B 59 11.33 13.99 17.36
C ALA B 59 11.32 13.67 18.84
N THR B 60 12.48 13.23 19.32
CA THR B 60 12.67 12.92 20.73
C THR B 60 12.51 14.27 21.41
N ASP B 61 11.28 14.55 21.83
CA ASP B 61 10.93 15.80 22.47
C ASP B 61 10.93 16.98 21.50
N HIS B 62 11.18 16.69 20.23
CA HIS B 62 11.11 17.72 19.19
C HIS B 62 9.60 17.85 19.19
N LEU B 63 8.97 16.81 19.76
CA LEU B 63 7.53 16.67 19.94
C LEU B 63 7.29 16.55 21.44
N SER B 64 6.10 16.94 21.89
CA SER B 64 5.79 16.90 23.31
C SER B 64 5.38 15.53 23.88
N ALA B 65 6.35 14.61 23.96
CA ALA B 65 6.12 13.27 24.50
C ALA B 65 4.76 12.67 24.16
N ALA B 66 3.71 13.20 24.77
CA ALA B 66 2.35 12.75 24.52
C ALA B 66 2.04 13.04 23.05
N ALA B 67 2.93 13.82 22.44
CA ALA B 67 2.84 14.22 21.05
C ALA B 67 3.02 13.01 20.16
N ARG B 68 4.18 12.36 20.29
CA ARG B 68 4.50 11.17 19.52
C ARG B 68 3.34 10.18 19.63
N HIS B 69 2.83 10.05 20.85
CA HIS B 69 1.72 9.16 21.13
C HIS B 69 0.58 9.45 20.15
N ALA B 70 0.28 10.74 19.99
CA ALA B 70 -0.77 11.19 19.09
C ALA B 70 -0.41 10.88 17.63
N ALA B 71 0.83 11.21 17.26
CA ALA B 71 1.32 10.98 15.92
C ALA B 71 1.23 9.49 15.61
N LEU B 72 2.10 8.71 16.25
CA LEU B 72 2.15 7.26 16.11
C LEU B 72 0.78 6.64 16.30
N GLY B 73 -0.08 7.34 17.03
CA GLY B 73 -1.42 6.84 17.29
C GLY B 73 -2.31 7.16 16.11
N ALA B 74 -1.96 8.23 15.41
CA ALA B 74 -2.71 8.64 14.22
C ALA B 74 -2.53 7.56 13.12
N ALA B 75 -1.28 7.16 12.87
CA ALA B 75 -0.98 6.14 11.84
C ALA B 75 -1.63 4.80 12.19
N ALA B 76 -1.48 4.40 13.44
CA ALA B 76 -2.04 3.15 13.93
C ALA B 76 -3.54 3.08 13.70
N ILE B 77 -4.28 4.08 14.19
CA ILE B 77 -5.74 4.08 14.07
C ILE B 77 -6.20 4.31 12.62
N MET B 78 -5.40 5.05 11.85
CA MET B 78 -5.74 5.32 10.45
C MET B 78 -5.53 4.07 9.59
N GLY B 79 -4.56 3.24 9.98
CA GLY B 79 -4.29 2.02 9.23
C GLY B 79 -5.58 1.20 9.23
N MET B 80 -6.35 1.35 10.30
CA MET B 80 -7.61 0.63 10.40
C MET B 80 -8.67 1.38 9.61
N ASN B 81 -8.87 2.65 9.97
CA ASN B 81 -9.87 3.49 9.33
C ASN B 81 -9.80 3.65 7.80
N ASN B 82 -8.59 3.85 7.27
CA ASN B 82 -8.39 4.02 5.82
C ASN B 82 -8.83 2.78 5.04
N VAL B 83 -8.89 1.64 5.72
CA VAL B 83 -9.31 0.41 5.07
C VAL B 83 -10.81 0.25 5.17
N PHE B 84 -11.33 0.37 6.39
CA PHE B 84 -12.75 0.21 6.60
C PHE B 84 -13.61 1.16 5.80
N TYR B 85 -13.26 2.44 5.86
CA TYR B 85 -14.00 3.48 5.19
C TYR B 85 -13.86 3.51 3.69
N ARG B 86 -12.64 3.28 3.20
CA ARG B 86 -12.41 3.26 1.76
C ARG B 86 -13.33 2.16 1.36
N GLY B 87 -13.17 1.04 2.08
CA GLY B 87 -13.94 -0.16 1.85
C GLY B 87 -15.43 0.02 1.78
N ARG B 88 -16.04 0.54 2.84
CA ARG B 88 -17.49 0.73 2.84
C ARG B 88 -17.90 1.62 1.69
N GLY B 89 -17.04 2.58 1.36
CA GLY B 89 -17.30 3.51 0.26
C GLY B 89 -17.30 2.92 -1.15
N PHE B 90 -16.84 1.67 -1.31
CA PHE B 90 -16.85 1.04 -2.62
C PHE B 90 -18.13 0.20 -2.76
N LEU B 91 -18.85 -0.01 -1.67
CA LEU B 91 -20.02 -0.88 -1.72
C LEU B 91 -21.42 -0.34 -2.02
N GLU B 92 -21.48 0.67 -2.87
CA GLU B 92 -22.74 1.27 -3.29
C GLU B 92 -23.62 1.71 -2.13
N GLY B 93 -23.04 1.84 -0.95
CA GLY B 93 -23.81 2.28 0.19
C GLY B 93 -24.76 1.25 0.76
N ARG B 94 -24.52 -0.02 0.47
CA ARG B 94 -25.37 -1.06 1.01
C ARG B 94 -24.94 -1.40 2.44
N TYR B 95 -23.92 -0.70 2.93
CA TYR B 95 -23.42 -0.94 4.28
C TYR B 95 -23.36 0.33 5.11
N ASP B 96 -23.95 1.40 4.61
CA ASP B 96 -23.95 2.70 5.29
C ASP B 96 -24.80 2.76 6.56
N ASP B 97 -25.50 1.68 6.88
CA ASP B 97 -26.37 1.65 8.05
C ASP B 97 -26.02 0.54 9.06
N LEU B 98 -24.86 -0.08 8.92
CA LEU B 98 -24.46 -1.14 9.84
C LEU B 98 -23.45 -0.61 10.83
N ARG B 99 -23.68 -0.93 12.10
CA ARG B 99 -22.80 -0.49 13.16
C ARG B 99 -21.39 -1.03 12.99
N PRO B 100 -20.44 -0.16 12.63
CA PRO B 100 -19.06 -0.60 12.45
C PRO B 100 -18.46 -0.63 13.83
N GLY B 101 -18.98 -1.54 14.65
CA GLY B 101 -18.54 -1.68 16.03
C GLY B 101 -17.03 -1.74 16.18
N LEU B 102 -16.38 -0.69 15.70
CA LEU B 102 -14.93 -0.54 15.75
C LEU B 102 -14.64 0.62 16.68
N ARG B 103 -13.97 0.33 17.77
CA ARG B 103 -13.61 1.38 18.71
C ARG B 103 -12.47 2.22 18.11
N MET B 104 -12.56 3.52 18.28
CA MET B 104 -11.53 4.44 17.80
C MET B 104 -11.55 5.69 18.66
N ASN B 105 -11.89 5.48 19.92
CA ASN B 105 -11.95 6.53 20.91
C ASN B 105 -10.74 7.45 20.92
N ILE B 106 -9.58 6.97 20.46
CA ILE B 106 -8.39 7.82 20.45
C ILE B 106 -8.72 9.03 19.58
N ILE B 107 -9.84 8.92 18.88
CA ILE B 107 -10.34 9.98 18.01
C ILE B 107 -10.49 11.25 18.86
N ALA B 108 -10.88 11.07 20.12
CA ALA B 108 -10.99 12.18 21.08
C ALA B 108 -9.58 12.22 21.61
N ASN B 109 -8.67 12.58 20.71
CA ASN B 109 -7.26 12.65 20.98
C ASN B 109 -6.83 12.78 22.42
N PRO B 110 -5.75 12.08 22.80
CA PRO B 110 -5.21 12.09 24.16
C PRO B 110 -4.68 13.48 24.50
N GLY B 111 -3.37 13.58 24.66
CA GLY B 111 -2.76 14.86 24.97
C GLY B 111 -3.10 15.86 23.90
N ILE B 112 -2.19 16.04 22.94
CA ILE B 112 -2.39 16.97 21.83
C ILE B 112 -3.84 17.38 21.60
N PRO B 113 -4.12 18.71 21.55
CA PRO B 113 -5.50 19.15 21.33
C PRO B 113 -6.01 18.65 19.97
N LYS B 114 -7.25 18.20 19.97
CA LYS B 114 -7.94 17.64 18.81
C LYS B 114 -7.79 18.43 17.52
N ALA B 115 -6.55 18.63 17.07
CA ALA B 115 -6.30 19.39 15.86
C ALA B 115 -5.21 18.72 15.05
N ASN B 116 -3.97 18.92 15.48
CA ASN B 116 -2.83 18.33 14.81
C ASN B 116 -3.07 16.84 14.62
N PHE B 117 -4.02 16.30 15.37
CA PHE B 117 -4.38 14.89 15.25
C PHE B 117 -4.94 14.75 13.85
N GLU B 118 -6.03 15.46 13.58
CA GLU B 118 -6.66 15.43 12.28
C GLU B 118 -5.64 15.82 11.21
N LEU B 119 -4.56 16.51 11.61
CA LEU B 119 -3.55 16.93 10.65
C LEU B 119 -2.70 15.76 10.18
N TRP B 120 -1.97 15.13 11.10
CA TRP B 120 -1.14 14.01 10.68
C TRP B 120 -2.06 12.86 10.29
N SER B 121 -3.29 12.93 10.79
CA SER B 121 -4.32 11.95 10.49
C SER B 121 -4.51 12.06 8.99
N PHE B 122 -4.72 13.30 8.57
CA PHE B 122 -4.91 13.68 7.18
C PHE B 122 -3.70 13.15 6.41
N ALA B 123 -2.51 13.49 6.90
CA ALA B 123 -1.29 13.04 6.28
C ALA B 123 -1.40 11.54 5.97
N VAL B 124 -1.44 10.74 7.04
CA VAL B 124 -1.54 9.29 6.94
C VAL B 124 -2.59 8.83 5.91
N SER B 125 -3.75 9.46 5.94
CA SER B 125 -4.82 9.12 5.01
C SER B 125 -4.37 9.23 3.55
N ALA B 126 -3.38 10.10 3.31
CA ALA B 126 -2.83 10.34 1.99
C ALA B 126 -1.96 9.18 1.57
N ILE B 127 -1.10 8.75 2.47
CA ILE B 127 -0.19 7.64 2.22
C ILE B 127 -1.00 6.35 1.94
N ASN B 128 -2.13 6.20 2.61
CA ASN B 128 -2.96 5.03 2.45
C ASN B 128 -3.95 5.09 1.28
N GLY B 129 -4.26 6.29 0.82
CA GLY B 129 -5.16 6.41 -0.30
C GLY B 129 -6.64 6.31 0.00
N CYS B 130 -7.08 6.84 1.13
CA CYS B 130 -8.51 6.83 1.48
C CYS B 130 -9.04 8.25 1.35
N SER B 131 -9.82 8.50 0.29
CA SER B 131 -10.39 9.82 0.05
C SER B 131 -11.49 10.12 1.09
N GLN B 132 -12.35 9.13 1.30
CA GLN B 132 -13.44 9.22 2.27
C GLN B 132 -12.93 9.93 3.52
N CYS B 133 -11.82 9.43 4.06
CA CYS B 133 -11.20 9.99 5.27
C CYS B 133 -10.49 11.29 5.01
N LEU B 134 -9.67 11.32 3.96
CA LEU B 134 -8.90 12.50 3.59
C LEU B 134 -9.77 13.77 3.52
N VAL B 135 -11.00 13.62 3.04
CA VAL B 135 -11.92 14.74 2.91
C VAL B 135 -12.50 15.21 4.24
N ALA B 136 -12.91 14.25 5.08
CA ALA B 136 -13.46 14.58 6.39
C ALA B 136 -12.42 15.29 7.24
N HIS B 137 -11.21 14.74 7.30
CA HIS B 137 -10.11 15.30 8.08
C HIS B 137 -9.65 16.65 7.53
N GLU B 138 -10.06 16.94 6.29
CA GLU B 138 -9.70 18.20 5.68
C GLU B 138 -10.83 19.19 6.00
N HIS B 139 -12.07 18.75 5.78
CA HIS B 139 -13.23 19.59 6.05
C HIS B 139 -13.22 20.01 7.51
N THR B 140 -12.82 19.10 8.38
CA THR B 140 -12.74 19.38 9.81
C THR B 140 -11.55 20.30 10.10
N LEU B 141 -10.40 19.98 9.54
CA LEU B 141 -9.19 20.78 9.74
C LEU B 141 -9.46 22.23 9.38
N ARG B 142 -10.36 22.44 8.41
CA ARG B 142 -10.76 23.76 7.97
C ARG B 142 -11.96 24.16 8.81
N THR B 143 -11.73 24.24 10.11
CA THR B 143 -12.78 24.63 11.06
C THR B 143 -12.09 25.05 12.34
N VAL B 144 -11.15 24.23 12.82
CA VAL B 144 -10.42 24.59 14.02
C VAL B 144 -9.39 25.63 13.62
N GLY B 145 -9.78 26.47 12.67
CA GLY B 145 -8.93 27.55 12.21
C GLY B 145 -7.64 27.15 11.53
N VAL B 146 -7.45 25.87 11.27
CA VAL B 146 -6.22 25.44 10.61
C VAL B 146 -6.20 25.95 9.17
N ASP B 147 -5.10 26.63 8.85
CA ASP B 147 -4.86 27.25 7.56
C ASP B 147 -5.36 26.48 6.33
N ARG B 148 -4.44 26.24 5.39
CA ARG B 148 -4.73 25.52 4.15
C ARG B 148 -3.39 25.32 3.46
N GLU B 149 -2.47 26.25 3.72
CA GLU B 149 -1.14 26.17 3.16
C GLU B 149 -0.46 25.11 4.03
N ALA B 150 -0.99 24.95 5.24
CA ALA B 150 -0.48 24.01 6.22
C ALA B 150 -0.94 22.58 5.94
N ILE B 151 -2.19 22.43 5.51
CA ILE B 151 -2.72 21.11 5.17
C ILE B 151 -1.98 20.71 3.89
N PHE B 152 -1.77 21.69 3.03
CA PHE B 152 -1.08 21.43 1.79
C PHE B 152 0.36 21.02 2.13
N GLU B 153 0.95 21.74 3.07
CA GLU B 153 2.33 21.51 3.52
C GLU B 153 2.46 20.09 4.07
N ALA B 154 1.45 19.66 4.81
CA ALA B 154 1.39 18.31 5.36
C ALA B 154 1.44 17.26 4.23
N LEU B 155 0.59 17.43 3.21
CA LEU B 155 0.54 16.51 2.07
C LEU B 155 1.89 16.40 1.40
N LYS B 156 2.57 17.52 1.28
CA LYS B 156 3.91 17.53 0.66
C LYS B 156 4.81 16.66 1.54
N ALA B 157 4.67 16.82 2.85
CA ALA B 157 5.45 16.08 3.83
C ALA B 157 5.17 14.57 3.71
N ALA B 158 3.88 14.21 3.71
CA ALA B 158 3.45 12.82 3.58
C ALA B 158 4.05 12.19 2.31
N ALA B 159 3.89 12.88 1.19
CA ALA B 159 4.42 12.36 -0.07
C ALA B 159 5.93 12.27 -0.12
N ILE B 160 6.62 13.24 0.46
CA ILE B 160 8.09 13.23 0.44
C ILE B 160 8.68 12.08 1.26
N VAL B 161 8.16 11.86 2.45
CA VAL B 161 8.66 10.79 3.30
C VAL B 161 8.48 9.42 2.60
N SER B 162 7.36 9.27 1.90
CA SER B 162 7.07 8.03 1.17
C SER B 162 8.12 7.85 0.08
N GLY B 163 8.46 8.94 -0.59
CA GLY B 163 9.46 8.88 -1.63
C GLY B 163 10.79 8.50 -0.99
N VAL B 164 11.02 8.99 0.23
CA VAL B 164 12.23 8.67 0.94
C VAL B 164 12.19 7.19 1.35
N ALA B 165 11.03 6.75 1.81
CA ALA B 165 10.83 5.34 2.18
C ALA B 165 11.17 4.47 0.97
N GLN B 166 10.44 4.64 -0.12
CA GLN B 166 10.70 3.86 -1.32
C GLN B 166 12.17 3.95 -1.74
N ALA B 167 12.73 5.16 -1.71
CA ALA B 167 14.14 5.33 -2.12
C ALA B 167 15.08 4.52 -1.25
N LEU B 168 14.82 4.53 0.04
CA LEU B 168 15.64 3.80 0.99
C LEU B 168 15.49 2.27 0.91
N ALA B 169 14.24 1.80 1.04
CA ALA B 169 13.93 0.37 1.01
C ALA B 169 14.54 -0.37 -0.16
N THR B 170 14.71 0.31 -1.29
CA THR B 170 15.31 -0.34 -2.45
C THR B 170 16.80 -0.59 -2.24
N ILE B 171 17.49 0.38 -1.65
CA ILE B 171 18.93 0.24 -1.41
C ILE B 171 19.21 -0.61 -0.18
N GLU B 172 18.35 -0.48 0.83
CA GLU B 172 18.49 -1.23 2.08
C GLU B 172 18.47 -2.74 1.87
N ALA B 173 17.98 -3.15 0.70
CA ALA B 173 17.87 -4.56 0.38
C ALA B 173 18.96 -5.08 -0.56
N LEU B 174 19.12 -4.40 -1.70
CA LEU B 174 20.09 -4.80 -2.71
C LEU B 174 21.53 -5.03 -2.25
N SER B 175 21.88 -4.55 -1.07
CA SER B 175 23.23 -4.74 -0.54
C SER B 175 23.46 -3.96 0.75
N ILE C 3 15.33 -14.12 -11.81
CA ILE C 3 16.11 -15.21 -11.16
C ILE C 3 15.17 -16.42 -11.06
N GLU C 4 15.68 -17.60 -11.44
CA GLU C 4 14.88 -18.82 -11.40
C GLU C 4 14.69 -19.33 -9.99
N LYS C 5 15.57 -18.93 -9.08
CA LYS C 5 15.44 -19.36 -7.70
C LYS C 5 14.21 -18.66 -7.13
N LEU C 6 13.81 -17.59 -7.80
CA LEU C 6 12.67 -16.80 -7.38
C LEU C 6 11.37 -17.50 -7.76
N LYS C 7 11.34 -18.11 -8.94
CA LYS C 7 10.16 -18.82 -9.41
C LYS C 7 10.03 -20.06 -8.55
N ALA C 8 11.18 -20.56 -8.11
CA ALA C 8 11.25 -21.76 -7.28
C ALA C 8 10.81 -21.51 -5.82
N ALA C 9 10.94 -20.28 -5.35
CA ALA C 9 10.57 -19.94 -3.98
C ALA C 9 9.06 -19.86 -3.76
N LEU C 10 8.31 -19.66 -4.84
CA LEU C 10 6.86 -19.56 -4.72
C LEU C 10 6.18 -20.84 -4.24
N PRO C 11 5.28 -20.70 -3.24
CA PRO C 11 4.55 -21.82 -2.66
C PRO C 11 3.64 -22.50 -3.69
N GLU C 12 3.18 -23.70 -3.35
CA GLU C 12 2.34 -24.49 -4.23
C GLU C 12 0.88 -24.05 -4.33
N TYR C 13 0.41 -23.23 -3.38
CA TYR C 13 -0.96 -22.73 -3.41
C TYR C 13 -1.00 -21.43 -4.21
N ALA C 14 0.15 -21.07 -4.78
CA ALA C 14 0.27 -19.88 -5.60
C ALA C 14 0.93 -20.26 -6.92
N LYS C 15 0.40 -21.33 -7.51
CA LYS C 15 0.86 -21.88 -8.77
C LYS C 15 0.66 -20.87 -9.90
N ASP C 16 -0.54 -20.31 -9.98
CA ASP C 16 -0.88 -19.31 -11.00
C ASP C 16 0.16 -18.22 -11.12
N ILE C 17 0.53 -17.61 -10.00
CA ILE C 17 1.52 -16.54 -9.94
C ILE C 17 2.85 -17.04 -10.54
N LYS C 18 3.21 -18.28 -10.23
CA LYS C 18 4.43 -18.85 -10.77
C LYS C 18 4.21 -18.95 -12.28
N LEU C 19 3.14 -19.63 -12.68
CA LEU C 19 2.80 -19.78 -14.10
C LEU C 19 2.78 -18.44 -14.84
N ASN C 20 2.31 -17.40 -14.18
CA ASN C 20 2.25 -16.05 -14.75
C ASN C 20 3.63 -15.37 -14.73
N LEU C 21 4.50 -15.75 -13.80
CA LEU C 21 5.83 -15.13 -13.71
C LEU C 21 6.78 -15.67 -14.79
N SER C 22 6.77 -16.97 -15.01
CA SER C 22 7.64 -17.53 -16.03
C SER C 22 7.16 -17.15 -17.43
N SER C 23 5.86 -16.89 -17.56
CA SER C 23 5.30 -16.51 -18.84
C SER C 23 5.44 -15.03 -19.13
N ILE C 24 5.38 -14.19 -18.10
CA ILE C 24 5.51 -12.76 -18.32
C ILE C 24 6.98 -12.43 -18.48
N THR C 25 7.80 -13.14 -17.72
CA THR C 25 9.25 -12.93 -17.73
C THR C 25 9.95 -13.51 -18.96
N ARG C 26 9.16 -13.96 -19.93
CA ARG C 26 9.71 -14.52 -21.15
C ARG C 26 8.76 -14.40 -22.34
N SER C 27 8.17 -13.23 -22.50
CA SER C 27 7.26 -12.99 -23.61
C SER C 27 8.11 -12.47 -24.77
N SER C 28 7.72 -11.34 -25.32
CA SER C 28 8.44 -10.70 -26.42
C SER C 28 7.86 -9.30 -26.67
N VAL C 29 6.55 -9.18 -26.47
CA VAL C 29 5.85 -7.92 -26.65
C VAL C 29 6.72 -6.76 -26.21
N LEU C 30 7.53 -6.98 -25.18
CA LEU C 30 8.43 -5.98 -24.67
C LEU C 30 9.84 -6.48 -24.92
N ASP C 31 10.77 -5.59 -25.23
CA ASP C 31 12.12 -6.07 -25.43
C ASP C 31 12.66 -6.42 -24.05
N GLN C 32 13.99 -6.47 -23.92
CA GLN C 32 14.64 -6.82 -22.66
C GLN C 32 14.72 -5.64 -21.68
N GLU C 33 15.12 -4.48 -22.18
CA GLU C 33 15.23 -3.30 -21.35
C GLU C 33 13.87 -2.82 -20.85
N GLN C 34 12.83 -3.13 -21.61
CA GLN C 34 11.49 -2.71 -21.24
C GLN C 34 10.84 -3.70 -20.29
N LEU C 35 11.21 -4.97 -20.44
CA LEU C 35 10.67 -6.00 -19.57
C LEU C 35 11.34 -5.89 -18.22
N TRP C 36 12.59 -6.32 -18.19
CA TRP C 36 13.37 -6.31 -16.97
C TRP C 36 13.34 -4.96 -16.29
N GLY C 37 13.31 -3.90 -17.10
CA GLY C 37 13.24 -2.56 -16.54
C GLY C 37 11.92 -2.37 -15.79
N THR C 38 10.82 -2.86 -16.34
CA THR C 38 9.54 -2.74 -15.64
C THR C 38 9.53 -3.70 -14.47
N LEU C 39 9.98 -4.93 -14.71
CA LEU C 39 10.04 -5.93 -13.65
C LEU C 39 10.85 -5.44 -12.44
N LEU C 40 11.88 -4.65 -12.70
CA LEU C 40 12.74 -4.10 -11.65
C LEU C 40 12.02 -2.99 -10.90
N ALA C 41 11.42 -2.08 -11.65
CA ALA C 41 10.71 -0.95 -11.07
C ALA C 41 9.56 -1.41 -10.21
N SER C 42 8.77 -2.34 -10.72
CA SER C 42 7.63 -2.88 -10.01
C SER C 42 8.05 -3.53 -8.68
N ALA C 43 9.11 -4.33 -8.75
CA ALA C 43 9.62 -5.03 -7.58
C ALA C 43 10.06 -4.12 -6.44
N ALA C 44 10.77 -3.02 -6.74
CA ALA C 44 11.20 -2.11 -5.68
C ALA C 44 9.94 -1.50 -5.06
N ALA C 45 8.92 -1.32 -5.90
CA ALA C 45 7.65 -0.75 -5.50
C ALA C 45 6.81 -1.66 -4.60
N THR C 46 7.08 -2.96 -4.60
CA THR C 46 6.32 -3.89 -3.75
C THR C 46 6.84 -3.82 -2.33
N ARG C 47 8.09 -3.36 -2.20
CA ARG C 47 8.77 -3.22 -0.92
C ARG C 47 9.37 -4.53 -0.43
N ASN C 48 9.06 -5.61 -1.14
CA ASN C 48 9.60 -6.93 -0.80
C ASN C 48 11.03 -6.99 -1.39
N PRO C 49 12.04 -6.95 -0.52
CA PRO C 49 13.45 -6.98 -0.91
C PRO C 49 13.90 -8.30 -1.50
N GLN C 50 13.18 -9.36 -1.16
CA GLN C 50 13.50 -10.69 -1.66
C GLN C 50 13.42 -10.63 -3.19
N VAL C 51 12.23 -10.25 -3.65
CA VAL C 51 11.94 -10.13 -5.06
C VAL C 51 12.82 -9.10 -5.75
N LEU C 52 13.06 -7.99 -5.07
CA LEU C 52 13.89 -6.92 -5.63
C LEU C 52 15.31 -7.44 -5.82
N ALA C 53 15.77 -8.24 -4.87
CA ALA C 53 17.11 -8.77 -4.97
C ALA C 53 17.19 -9.76 -6.13
N ASP C 54 16.14 -10.57 -6.30
CA ASP C 54 16.15 -11.57 -7.38
C ASP C 54 15.95 -11.00 -8.78
N ILE C 55 14.81 -10.38 -9.03
CA ILE C 55 14.59 -9.78 -10.34
C ILE C 55 15.77 -8.84 -10.67
N GLY C 56 16.20 -8.04 -9.70
CA GLY C 56 17.35 -7.17 -9.94
C GLY C 56 18.56 -7.97 -10.40
N ALA C 57 18.92 -9.02 -9.68
CA ALA C 57 20.06 -9.84 -10.09
C ALA C 57 19.86 -10.32 -11.54
N GLU C 58 18.62 -10.59 -11.94
CA GLU C 58 18.34 -11.02 -13.30
C GLU C 58 18.35 -9.82 -14.22
N ALA C 59 17.92 -8.68 -13.69
CA ALA C 59 17.89 -7.46 -14.47
C ALA C 59 19.25 -6.77 -14.38
N THR C 60 20.28 -7.50 -14.79
CA THR C 60 21.64 -6.97 -14.82
C THR C 60 22.23 -7.50 -16.11
N ASP C 61 21.69 -8.64 -16.54
CA ASP C 61 22.12 -9.29 -17.77
C ASP C 61 21.25 -8.73 -18.90
N HIS C 62 20.42 -7.75 -18.57
CA HIS C 62 19.51 -7.14 -19.53
C HIS C 62 19.50 -5.62 -19.43
N LEU C 63 19.38 -5.09 -18.21
CA LEU C 63 19.37 -3.63 -18.03
C LEU C 63 20.75 -3.02 -18.08
N SER C 64 20.82 -1.81 -18.61
CA SER C 64 22.06 -1.08 -18.70
C SER C 64 22.34 -0.52 -17.33
N ALA C 65 23.56 -0.02 -17.13
CA ALA C 65 23.95 0.56 -15.86
C ALA C 65 23.04 1.75 -15.55
N ALA C 66 22.85 2.60 -16.55
CA ALA C 66 21.99 3.78 -16.43
C ALA C 66 20.54 3.35 -16.27
N ALA C 67 20.15 2.34 -17.05
CA ALA C 67 18.79 1.82 -17.02
C ALA C 67 18.37 1.41 -15.61
N ARG C 68 19.23 0.62 -14.95
CA ARG C 68 18.97 0.16 -13.60
C ARG C 68 18.64 1.32 -12.67
N HIS C 69 19.48 2.35 -12.71
CA HIS C 69 19.29 3.52 -11.88
C HIS C 69 18.00 4.21 -12.27
N ALA C 70 17.72 4.18 -13.57
CA ALA C 70 16.51 4.81 -14.10
C ALA C 70 15.28 4.20 -13.45
N ALA C 71 15.06 2.91 -13.73
CA ALA C 71 13.92 2.18 -13.20
C ALA C 71 13.78 2.32 -11.70
N LEU C 72 14.91 2.42 -11.00
CA LEU C 72 14.89 2.57 -9.53
C LEU C 72 14.53 3.99 -9.17
N GLY C 73 14.93 4.93 -10.04
CA GLY C 73 14.61 6.33 -9.79
C GLY C 73 13.11 6.48 -9.97
N ALA C 74 12.58 5.90 -11.05
CA ALA C 74 11.16 5.94 -11.33
C ALA C 74 10.42 5.52 -10.08
N ALA C 75 10.79 4.37 -9.53
CA ALA C 75 10.15 3.89 -8.33
C ALA C 75 10.26 4.91 -7.20
N ALA C 76 11.45 5.45 -6.99
CA ALA C 76 11.65 6.42 -5.91
C ALA C 76 10.70 7.59 -6.03
N ILE C 77 10.77 8.30 -7.16
CA ILE C 77 9.95 9.50 -7.44
C ILE C 77 8.42 9.29 -7.58
N MET C 78 7.99 8.13 -8.06
CA MET C 78 6.56 7.88 -8.17
C MET C 78 6.03 7.62 -6.77
N GLY C 79 6.92 7.22 -5.88
CA GLY C 79 6.55 6.97 -4.50
C GLY C 79 6.04 8.23 -3.84
N MET C 80 6.67 9.36 -4.18
CA MET C 80 6.29 10.67 -3.63
C MET C 80 5.07 11.21 -4.36
N ASN C 81 5.19 11.27 -5.68
CA ASN C 81 4.15 11.80 -6.56
C ASN C 81 2.83 11.03 -6.50
N ASN C 82 2.89 9.71 -6.60
CA ASN C 82 1.68 8.91 -6.53
C ASN C 82 0.85 9.32 -5.31
N VAL C 83 1.54 9.64 -4.22
CA VAL C 83 0.87 10.06 -3.00
C VAL C 83 0.35 11.50 -3.15
N PHE C 84 1.22 12.39 -3.59
CA PHE C 84 0.83 13.78 -3.76
C PHE C 84 -0.38 14.01 -4.67
N TYR C 85 -0.27 13.60 -5.93
CA TYR C 85 -1.35 13.80 -6.89
C TYR C 85 -2.65 13.10 -6.56
N ARG C 86 -2.59 11.86 -6.08
CA ARG C 86 -3.80 11.17 -5.71
C ARG C 86 -4.43 11.93 -4.55
N GLY C 87 -3.58 12.42 -3.65
CA GLY C 87 -4.05 13.16 -2.49
C GLY C 87 -4.75 14.44 -2.89
N ARG C 88 -4.11 15.22 -3.74
CA ARG C 88 -4.69 16.48 -4.20
C ARG C 88 -5.99 16.16 -4.96
N GLY C 89 -5.93 15.11 -5.79
CA GLY C 89 -7.08 14.69 -6.58
C GLY C 89 -8.30 14.43 -5.74
N PHE C 90 -8.11 14.00 -4.49
CA PHE C 90 -9.24 13.74 -3.60
C PHE C 90 -9.76 15.00 -2.89
N LEU C 91 -9.16 16.14 -3.19
CA LEU C 91 -9.58 17.39 -2.55
C LEU C 91 -10.43 18.33 -3.42
N GLU C 92 -11.16 17.74 -4.39
CA GLU C 92 -12.05 18.46 -5.28
C GLU C 92 -11.43 19.65 -6.00
N GLY C 93 -10.13 19.56 -6.28
CA GLY C 93 -9.43 20.64 -6.95
C GLY C 93 -9.20 21.83 -6.05
N ARG C 94 -9.68 21.76 -4.82
CA ARG C 94 -9.56 22.85 -3.87
C ARG C 94 -8.14 23.34 -3.55
N TYR C 95 -7.12 22.58 -3.96
CA TYR C 95 -5.72 22.97 -3.70
C TYR C 95 -4.91 23.03 -4.96
N ASP C 96 -5.59 22.95 -6.10
CA ASP C 96 -4.90 22.98 -7.37
C ASP C 96 -4.16 24.29 -7.60
N ASP C 97 -4.53 25.33 -6.84
CA ASP C 97 -3.89 26.62 -6.98
C ASP C 97 -2.44 26.64 -6.50
N LEU C 98 -2.17 26.22 -5.27
CA LEU C 98 -0.79 26.21 -4.74
C LEU C 98 0.27 25.62 -5.67
N ARG C 99 1.53 25.74 -5.25
CA ARG C 99 2.64 25.21 -6.03
C ARG C 99 3.28 24.07 -5.26
N PRO C 100 3.13 22.84 -5.78
CA PRO C 100 3.66 21.62 -5.18
C PRO C 100 5.09 21.73 -4.66
N GLY C 101 5.94 22.45 -5.39
CA GLY C 101 7.33 22.63 -4.95
C GLY C 101 8.19 21.38 -4.97
N LEU C 102 7.55 20.23 -5.11
CA LEU C 102 8.26 18.96 -5.15
C LEU C 102 9.23 18.95 -6.33
N ARG C 103 10.51 18.72 -6.06
CA ARG C 103 11.50 18.66 -7.13
C ARG C 103 11.33 17.31 -7.83
N MET C 104 11.57 17.27 -9.14
CA MET C 104 11.44 16.04 -9.90
C MET C 104 12.12 16.13 -11.27
N ASN C 105 13.26 16.81 -11.29
CA ASN C 105 14.03 16.98 -12.52
C ASN C 105 14.26 15.62 -13.18
N ILE C 106 14.20 14.57 -12.37
CA ILE C 106 14.43 13.24 -12.90
C ILE C 106 13.39 12.77 -13.92
N ILE C 107 12.14 13.19 -13.80
CA ILE C 107 11.14 12.75 -14.78
C ILE C 107 11.60 13.16 -16.18
N ALA C 108 12.49 14.16 -16.24
CA ALA C 108 13.06 14.62 -17.50
C ALA C 108 14.08 13.54 -17.86
N ASN C 109 14.05 12.49 -17.03
CA ASN C 109 14.87 11.29 -17.10
C ASN C 109 16.37 11.32 -16.82
N PRO C 110 16.97 12.51 -16.59
CA PRO C 110 18.41 12.60 -16.33
C PRO C 110 19.35 11.55 -16.94
N GLY C 111 18.81 10.73 -17.84
CA GLY C 111 19.57 9.68 -18.49
C GLY C 111 18.62 8.59 -18.93
N ILE C 112 18.90 7.96 -20.07
CA ILE C 112 18.09 6.88 -20.63
C ILE C 112 16.88 7.40 -21.42
N PRO C 113 16.35 6.59 -22.35
CA PRO C 113 15.19 7.02 -23.13
C PRO C 113 13.91 7.14 -22.30
N LYS C 114 13.11 8.16 -22.59
CA LYS C 114 11.86 8.40 -21.86
C LYS C 114 10.86 7.30 -22.12
N ALA C 115 10.85 6.77 -23.33
CA ALA C 115 9.91 5.72 -23.69
C ALA C 115 9.91 4.68 -22.59
N ASN C 116 11.11 4.32 -22.15
CA ASN C 116 11.28 3.34 -21.09
C ASN C 116 11.00 3.92 -19.72
N PHE C 117 11.57 5.08 -19.42
CA PHE C 117 11.34 5.70 -18.13
C PHE C 117 9.84 5.75 -17.91
N GLU C 118 9.18 6.49 -18.80
CA GLU C 118 7.76 6.65 -18.75
C GLU C 118 7.00 5.35 -18.50
N LEU C 119 7.36 4.29 -19.24
CA LEU C 119 6.68 3.01 -19.08
C LEU C 119 6.87 2.38 -17.69
N TRP C 120 8.07 2.48 -17.13
CA TRP C 120 8.33 1.95 -15.80
C TRP C 120 7.56 2.75 -14.76
N SER C 121 7.35 4.03 -15.05
CA SER C 121 6.59 4.90 -14.16
C SER C 121 5.14 4.42 -14.19
N PHE C 122 4.69 3.97 -15.36
CA PHE C 122 3.33 3.46 -15.49
C PHE C 122 3.21 2.35 -14.46
N ALA C 123 3.99 1.30 -14.69
CA ALA C 123 4.08 0.14 -13.85
C ALA C 123 3.99 0.46 -12.35
N VAL C 124 4.84 1.36 -11.87
CA VAL C 124 4.89 1.74 -10.46
C VAL C 124 3.57 2.37 -10.00
N SER C 125 3.05 3.29 -10.81
CA SER C 125 1.80 3.97 -10.52
C SER C 125 0.68 2.97 -10.38
N ALA C 126 0.75 1.89 -11.17
CA ALA C 126 -0.26 0.83 -11.13
C ALA C 126 -0.22 0.15 -9.78
N ILE C 127 1.00 -0.10 -9.29
CA ILE C 127 1.19 -0.76 -8.00
C ILE C 127 0.85 0.12 -6.79
N ASN C 128 1.23 1.40 -6.85
CA ASN C 128 0.94 2.32 -5.75
C ASN C 128 -0.53 2.74 -5.72
N GLY C 129 -1.19 2.70 -6.89
CA GLY C 129 -2.60 3.06 -6.94
C GLY C 129 -2.95 4.52 -7.10
N CYS C 130 -2.28 5.19 -8.04
CA CYS C 130 -2.54 6.61 -8.31
C CYS C 130 -2.94 6.78 -9.77
N SER C 131 -4.21 7.06 -10.01
CA SER C 131 -4.72 7.21 -11.37
C SER C 131 -4.28 8.48 -12.11
N GLN C 132 -4.19 9.59 -11.39
CA GLN C 132 -3.79 10.85 -12.03
C GLN C 132 -2.37 10.74 -12.57
N CYS C 133 -1.68 9.68 -12.19
CA CYS C 133 -0.31 9.45 -12.65
C CYS C 133 -0.34 8.31 -13.67
N LEU C 134 -1.09 7.26 -13.36
CA LEU C 134 -1.20 6.13 -14.26
C LEU C 134 -1.66 6.64 -15.64
N VAL C 135 -2.63 7.54 -15.62
CA VAL C 135 -3.21 8.12 -16.82
C VAL C 135 -2.26 8.99 -17.66
N ALA C 136 -1.64 10.00 -17.04
CA ALA C 136 -0.73 10.88 -17.77
C ALA C 136 0.47 10.15 -18.40
N HIS C 137 0.91 9.06 -17.77
CA HIS C 137 2.04 8.29 -18.27
C HIS C 137 1.60 7.42 -19.44
N GLU C 138 0.35 7.01 -19.42
CA GLU C 138 -0.17 6.22 -20.52
C GLU C 138 -0.20 7.20 -21.69
N HIS C 139 -0.51 8.46 -21.37
CA HIS C 139 -0.56 9.52 -22.36
C HIS C 139 0.84 9.83 -22.90
N THR C 140 1.72 10.31 -22.02
CA THR C 140 3.10 10.65 -22.41
C THR C 140 3.73 9.52 -23.22
N LEU C 141 3.26 8.31 -22.95
CA LEU C 141 3.74 7.14 -23.66
C LEU C 141 3.07 7.11 -25.01
N ARG C 142 1.77 6.83 -25.00
CA ARG C 142 0.97 6.73 -26.23
C ARG C 142 1.44 7.72 -27.28
N THR C 143 1.81 8.92 -26.84
CA THR C 143 2.30 9.96 -27.73
C THR C 143 3.65 9.58 -28.30
N VAL C 144 4.69 9.54 -27.46
CA VAL C 144 6.01 9.19 -27.94
C VAL C 144 5.92 7.87 -28.70
N GLY C 145 4.76 7.23 -28.61
CA GLY C 145 4.55 5.97 -29.28
C GLY C 145 4.21 4.88 -28.28
N VAL C 146 4.77 3.70 -28.51
CA VAL C 146 4.53 2.55 -27.64
C VAL C 146 3.14 2.01 -27.88
N ASP C 147 3.10 0.77 -28.36
CA ASP C 147 1.86 0.07 -28.67
C ASP C 147 0.94 0.04 -27.45
N ARG C 148 -0.33 -0.24 -27.71
CA ARG C 148 -1.34 -0.35 -26.66
C ARG C 148 -1.06 -1.71 -26.02
N GLU C 149 -0.40 -2.56 -26.80
CA GLU C 149 -0.03 -3.92 -26.37
C GLU C 149 1.11 -3.87 -25.35
N ALA C 150 2.12 -3.05 -25.64
CA ALA C 150 3.28 -2.90 -24.78
C ALA C 150 2.91 -2.33 -23.41
N ILE C 151 2.05 -1.31 -23.42
CA ILE C 151 1.62 -0.64 -22.21
C ILE C 151 0.80 -1.56 -21.31
N PHE C 152 -0.02 -2.40 -21.93
CA PHE C 152 -0.87 -3.34 -21.23
C PHE C 152 -0.01 -4.39 -20.55
N GLU C 153 0.94 -4.95 -21.31
CA GLU C 153 1.85 -5.98 -20.82
C GLU C 153 2.59 -5.45 -19.59
N ALA C 154 2.94 -4.18 -19.60
CA ALA C 154 3.64 -3.58 -18.48
C ALA C 154 2.75 -3.60 -17.23
N LEU C 155 1.45 -3.31 -17.41
CA LEU C 155 0.49 -3.32 -16.30
C LEU C 155 0.44 -4.74 -15.79
N LYS C 156 0.45 -5.68 -16.74
CA LYS C 156 0.46 -7.12 -16.45
C LYS C 156 1.71 -7.45 -15.65
N ALA C 157 2.83 -6.83 -16.05
CA ALA C 157 4.10 -7.02 -15.37
C ALA C 157 4.01 -6.50 -13.92
N ALA C 158 3.54 -5.27 -13.75
CA ALA C 158 3.41 -4.71 -12.41
C ALA C 158 2.51 -5.60 -11.55
N ALA C 159 1.39 -6.03 -12.12
CA ALA C 159 0.45 -6.89 -11.43
C ALA C 159 1.06 -8.22 -11.05
N ILE C 160 1.82 -8.84 -11.96
CA ILE C 160 2.41 -10.13 -11.64
C ILE C 160 3.56 -10.01 -10.62
N VAL C 161 4.34 -8.96 -10.71
CA VAL C 161 5.42 -8.73 -9.74
C VAL C 161 4.79 -8.58 -8.35
N SER C 162 3.66 -7.87 -8.28
CA SER C 162 2.97 -7.65 -7.00
C SER C 162 2.48 -8.98 -6.40
N GLY C 163 2.04 -9.89 -7.28
CA GLY C 163 1.55 -11.18 -6.86
C GLY C 163 2.66 -12.03 -6.28
N VAL C 164 3.83 -12.00 -6.95
CA VAL C 164 5.00 -12.73 -6.48
C VAL C 164 5.38 -12.23 -5.07
N ALA C 165 5.49 -10.92 -4.92
CA ALA C 165 5.82 -10.31 -3.63
C ALA C 165 4.90 -10.85 -2.52
N GLN C 166 3.59 -10.77 -2.76
CA GLN C 166 2.61 -11.25 -1.79
C GLN C 166 2.76 -12.73 -1.45
N ALA C 167 2.88 -13.59 -2.46
CA ALA C 167 3.02 -15.03 -2.21
C ALA C 167 4.31 -15.37 -1.46
N LEU C 168 5.40 -14.73 -1.85
CA LEU C 168 6.66 -14.96 -1.18
C LEU C 168 6.60 -14.38 0.23
N ALA C 169 5.63 -13.51 0.48
CA ALA C 169 5.49 -12.87 1.78
C ALA C 169 4.35 -13.48 2.60
N THR C 170 4.06 -14.73 2.29
CA THR C 170 3.01 -15.46 3.00
C THR C 170 3.66 -16.73 3.52
N ILE C 171 4.83 -17.03 2.97
CA ILE C 171 5.58 -18.21 3.36
C ILE C 171 6.71 -17.79 4.31
#